data_6GZ7
#
_entry.id   6GZ7
#
loop_
_entity.id
_entity.type
_entity.pdbx_description
1 polymer "DNA (5'-D(*CP*GP*AP*TP*GP*TP*AP*CP*AP*TP*CP*G)-3')"
2 non-polymer dimethyl-[3-[3-[[1-methyl-4-[[1-methyl-4-[[1-methyl-4-[[1-methyl-4-[4-[[1-methyl-4-[[1-methyl-4-[[1-methyl-4-[(1-propan-2-ylimidazol-2-yl)carbonylamino]pyrrol-2-yl]carbonylamino]pyrrol-2-yl]carbonylamino]pyrrol-2-yl]carbonylamino]butanoylamino]imidazol-2-yl]carbonylamino]pyrrol-2-yl]carbonylamino]pyrrol-2-yl]carbonylamino]pyrrol-2-yl]carbonylamino]propanoylamino]propyl]azanium
#
_entity_poly.entity_id   1
_entity_poly.type   'polydeoxyribonucleotide'
_entity_poly.pdbx_seq_one_letter_code
;(PA9)(DC)(DG)(DA)(DT)(DG)(DT)(DA)(DC)(DA)(DT)(DC)(DG)
;
_entity_poly.pdbx_strand_id   A,B
#